data_4OO0
#
_entry.id   4OO0
#
_cell.length_a   84.200
_cell.length_b   84.200
_cell.length_c   260.060
_cell.angle_alpha   90.000
_cell.angle_beta   90.000
_cell.angle_gamma   120.000
#
_symmetry.space_group_name_H-M   'P 61 2 2'
#
loop_
_entity.id
_entity.type
_entity.pdbx_description
1 polymer 'Maf-like protein BCAL2394'
2 non-polymer 'PHOSPHATE ION'
3 non-polymer 1,2-ETHANEDIOL
4 water water
#
_entity_poly.entity_id   1
_entity_poly.type   'polypeptide(L)'
_entity_poly.pdbx_seq_one_letter_code
;MAHHHHHHMGTLEAQTQGPGSMPSSTSPALFPTPLFQTLYLASQSPRRQELLQQIGVRFELLLPRPDEDAEALEAELPGE
AADAYVRRVTVAKAEAARARLVASGKPAAPVLVADTTVTIDGAILGKPTDADDALAMLTRLAGREHAVLTAVAVIDASGE
LLPPALSRSSVRFAAASRDAYVRYVETGEPFGKAGAYAIQGRAAEFIERIDGSHSGIMGLPLFETAALLRTARVAF
;
_entity_poly.pdbx_strand_id   A,B
#
loop_
_chem_comp.id
_chem_comp.type
_chem_comp.name
_chem_comp.formula
EDO non-polymer 1,2-ETHANEDIOL 'C2 H6 O2'
PO4 non-polymer 'PHOSPHATE ION' 'O4 P -3'
#
# COMPACT_ATOMS: atom_id res chain seq x y z
N ALA A 29 -20.45 -6.69 13.74
CA ALA A 29 -20.64 -6.32 12.31
C ALA A 29 -21.50 -7.35 11.56
N LEU A 30 -22.77 -7.01 11.35
CA LEU A 30 -23.70 -7.90 10.63
C LEU A 30 -23.89 -7.42 9.18
N PHE A 31 -23.44 -8.23 8.21
CA PHE A 31 -23.54 -7.88 6.79
C PHE A 31 -24.82 -8.48 6.16
N PRO A 32 -25.79 -7.62 5.78
CA PRO A 32 -26.98 -8.14 5.10
C PRO A 32 -26.67 -8.68 3.71
N THR A 33 -27.47 -9.61 3.22
CA THR A 33 -27.29 -10.15 1.87
C THR A 33 -27.25 -9.04 0.83
N PRO A 34 -26.26 -9.10 -0.09
CA PRO A 34 -26.17 -8.08 -1.14
C PRO A 34 -27.30 -8.15 -2.18
N LEU A 35 -27.69 -7.00 -2.70
CA LEU A 35 -28.70 -6.89 -3.77
C LEU A 35 -28.12 -6.28 -5.05
N PHE A 36 -26.94 -5.66 -4.98
CA PHE A 36 -26.41 -4.93 -6.12
C PHE A 36 -25.06 -5.48 -6.57
N GLN A 37 -25.00 -5.97 -7.82
CA GLN A 37 -23.76 -6.48 -8.42
C GLN A 37 -22.77 -5.37 -8.79
N THR A 38 -23.30 -4.18 -9.10
CA THR A 38 -22.50 -3.08 -9.60
C THR A 38 -22.73 -1.79 -8.81
N LEU A 39 -21.63 -1.10 -8.56
CA LEU A 39 -21.64 0.18 -7.84
C LEU A 39 -21.38 1.28 -8.86
N TYR A 40 -22.01 2.44 -8.70
CA TYR A 40 -21.68 3.60 -9.52
C TYR A 40 -20.52 4.33 -8.88
N LEU A 41 -19.43 4.51 -9.63
CA LEU A 41 -18.25 5.20 -9.10
C LEU A 41 -18.17 6.59 -9.69
N ALA A 42 -18.40 7.61 -8.87
CA ALA A 42 -18.37 8.99 -9.35
C ALA A 42 -16.99 9.59 -9.11
N SER A 43 -16.00 9.02 -9.78
CA SER A 43 -14.60 9.39 -9.61
C SER A 43 -13.86 9.12 -10.91
N GLN A 44 -13.05 10.09 -11.33
CA GLN A 44 -12.16 9.97 -12.50
C GLN A 44 -10.77 9.41 -12.11
N SER A 45 -10.55 9.12 -10.83
CA SER A 45 -9.19 8.84 -10.34
C SER A 45 -8.78 7.39 -10.57
N PRO A 46 -7.63 7.17 -11.24
CA PRO A 46 -7.19 5.79 -11.45
C PRO A 46 -6.88 5.04 -10.15
N ARG A 47 -6.37 5.75 -9.14
CA ARG A 47 -6.09 5.16 -7.82
C ARG A 47 -7.33 4.62 -7.13
N ARG A 48 -8.40 5.40 -7.10
CA ARG A 48 -9.68 4.97 -6.51
C ARG A 48 -10.28 3.79 -7.28
N GLN A 49 -10.16 3.81 -8.62
CA GLN A 49 -10.58 2.69 -9.45
C GLN A 49 -9.80 1.40 -9.13
N GLU A 50 -8.48 1.50 -9.07
CA GLU A 50 -7.62 0.38 -8.70
C GLU A 50 -7.94 -0.18 -7.30
N LEU A 51 -8.19 0.70 -6.33
CA LEU A 51 -8.44 0.23 -4.96
C LEU A 51 -9.80 -0.51 -4.88
N LEU A 52 -10.81 -0.05 -5.61
CA LEU A 52 -12.06 -0.80 -5.68
C LEU A 52 -11.84 -2.18 -6.30
N GLN A 53 -11.09 -2.27 -7.39
CA GLN A 53 -10.75 -3.55 -7.98
C GLN A 53 -10.01 -4.45 -6.99
N GLN A 54 -9.14 -3.88 -6.18
CA GLN A 54 -8.43 -4.67 -5.19
C GLN A 54 -9.35 -5.45 -4.19
N ILE A 55 -10.52 -4.92 -3.86
CA ILE A 55 -11.44 -5.63 -2.97
C ILE A 55 -12.56 -6.34 -3.73
N GLY A 56 -12.46 -6.39 -5.05
CA GLY A 56 -13.34 -7.19 -5.88
C GLY A 56 -14.68 -6.53 -6.18
N VAL A 57 -14.74 -5.21 -6.07
CA VAL A 57 -15.98 -4.47 -6.39
C VAL A 57 -16.05 -4.16 -7.89
N ARG A 58 -17.15 -4.57 -8.52
CA ARG A 58 -17.48 -4.18 -9.89
C ARG A 58 -18.13 -2.79 -9.89
N PHE A 59 -17.76 -1.94 -10.83
CA PHE A 59 -18.30 -0.57 -10.88
C PHE A 59 -18.53 -0.03 -12.29
N GLU A 60 -19.34 1.00 -12.38
CA GLU A 60 -19.61 1.74 -13.60
C GLU A 60 -19.27 3.19 -13.25
N LEU A 61 -18.44 3.83 -14.06
CA LEU A 61 -18.10 5.23 -13.85
C LEU A 61 -19.33 6.07 -14.09
N LEU A 62 -19.51 7.12 -13.29
CA LEU A 62 -20.62 8.03 -13.44
C LEU A 62 -20.07 9.43 -13.24
N LEU A 63 -19.51 9.96 -14.31
CA LEU A 63 -18.67 11.14 -14.27
C LEU A 63 -19.46 12.42 -14.57
N PRO A 64 -18.95 13.56 -14.09
CA PRO A 64 -19.69 14.81 -14.26
C PRO A 64 -19.92 15.13 -15.73
N ARG A 65 -21.19 15.46 -16.06
CA ARG A 65 -21.58 15.80 -17.43
C ARG A 65 -20.85 17.05 -17.90
N PRO A 66 -20.83 17.29 -19.22
CA PRO A 66 -20.18 18.50 -19.74
C PRO A 66 -20.67 19.81 -19.06
N ASP A 67 -21.97 19.92 -18.81
CA ASP A 67 -22.53 21.14 -18.20
C ASP A 67 -22.30 21.28 -16.68
N GLU A 68 -21.83 20.22 -16.00
CA GLU A 68 -21.50 20.29 -14.57
C GLU A 68 -20.10 20.87 -14.32
N ASP A 69 -19.98 21.75 -13.33
CA ASP A 69 -18.68 22.29 -12.91
C ASP A 69 -18.20 21.55 -11.66
N ALA A 70 -17.59 20.39 -11.88
CA ALA A 70 -17.11 19.53 -10.79
C ALA A 70 -16.04 20.18 -9.88
N GLU A 71 -15.19 21.06 -10.45
CA GLU A 71 -14.11 21.73 -9.70
C GLU A 71 -14.60 22.70 -8.62
N ALA A 72 -15.76 23.33 -8.87
CA ALA A 72 -16.37 24.30 -7.94
C ALA A 72 -16.67 23.73 -6.54
N LEU A 73 -17.04 22.45 -6.47
CA LEU A 73 -17.36 21.81 -5.19
C LEU A 73 -16.18 21.73 -4.20
N GLU A 74 -14.96 21.95 -4.69
CA GLU A 74 -13.73 21.70 -3.93
C GLU A 74 -13.06 22.97 -3.39
N ALA A 75 -13.78 24.08 -3.35
CA ALA A 75 -13.22 25.30 -2.78
C ALA A 75 -13.28 25.29 -1.24
N GLU A 76 -12.16 25.59 -0.59
CA GLU A 76 -12.11 25.70 0.87
C GLU A 76 -12.82 26.95 1.35
N LEU A 77 -13.18 26.96 2.64
CA LEU A 77 -13.75 28.12 3.33
C LEU A 77 -12.69 28.65 4.31
N PRO A 78 -12.93 29.84 4.91
CA PRO A 78 -11.90 30.49 5.72
C PRO A 78 -11.90 30.03 7.18
N GLY A 79 -10.72 29.73 7.70
CA GLY A 79 -10.59 29.23 9.08
C GLY A 79 -11.13 27.81 9.25
N GLU A 80 -11.41 27.14 8.14
CA GLU A 80 -12.03 25.82 8.16
C GLU A 80 -10.93 24.81 8.37
N ALA A 81 -11.06 24.00 9.43
CA ALA A 81 -10.13 22.93 9.66
C ALA A 81 -10.21 21.91 8.52
N ALA A 82 -9.12 21.16 8.36
CA ALA A 82 -8.95 20.25 7.24
C ALA A 82 -9.91 19.08 7.25
N ASP A 83 -10.21 18.58 8.45
CA ASP A 83 -11.13 17.45 8.56
C ASP A 83 -12.54 17.89 8.23
N ALA A 84 -12.90 19.08 8.68
CA ALA A 84 -14.19 19.68 8.36
C ALA A 84 -14.34 19.88 6.84
N TYR A 85 -13.25 20.37 6.22
CA TYR A 85 -13.21 20.67 4.79
C TYR A 85 -13.47 19.43 3.95
N VAL A 86 -12.71 18.37 4.21
CA VAL A 86 -12.77 17.21 3.36
C VAL A 86 -14.11 16.49 3.49
N ARG A 87 -14.65 16.47 4.70
CA ARG A 87 -16.01 15.98 4.96
C ARG A 87 -17.06 16.76 4.22
N ARG A 88 -17.04 18.08 4.36
CA ARG A 88 -17.98 18.93 3.62
C ARG A 88 -17.93 18.68 2.13
N VAL A 89 -16.72 18.70 1.57
CA VAL A 89 -16.58 18.55 0.12
C VAL A 89 -17.09 17.19 -0.35
N THR A 90 -16.81 16.16 0.44
CA THR A 90 -17.23 14.82 0.10
C THR A 90 -18.75 14.70 0.10
N VAL A 91 -19.43 15.34 1.06
CA VAL A 91 -20.91 15.32 1.09
C VAL A 91 -21.46 15.98 -0.18
N ALA A 92 -20.90 17.11 -0.59
CA ALA A 92 -21.39 17.82 -1.80
C ALA A 92 -21.17 16.97 -3.05
N LYS A 93 -20.01 16.31 -3.13
CA LYS A 93 -19.73 15.42 -4.23
C LYS A 93 -20.78 14.32 -4.27
N ALA A 94 -21.12 13.78 -3.10
CA ALA A 94 -22.09 12.70 -3.03
C ALA A 94 -23.46 13.16 -3.52
N GLU A 95 -23.90 14.33 -3.07
N GLU A 95 -23.91 14.33 -3.08
CA GLU A 95 -25.20 14.89 -3.48
CA GLU A 95 -25.21 14.86 -3.50
C GLU A 95 -25.25 15.15 -4.99
C GLU A 95 -25.26 15.15 -5.01
N ALA A 96 -24.19 15.74 -5.54
CA ALA A 96 -24.10 15.95 -6.99
C ALA A 96 -24.10 14.61 -7.77
N ALA A 97 -23.44 13.59 -7.23
CA ALA A 97 -23.39 12.31 -7.91
C ALA A 97 -24.76 11.65 -7.97
N ARG A 98 -25.48 11.69 -6.85
CA ARG A 98 -26.85 11.15 -6.80
C ARG A 98 -27.77 11.92 -7.75
N ALA A 99 -27.64 13.25 -7.81
CA ALA A 99 -28.52 14.03 -8.70
C ALA A 99 -28.19 13.65 -10.14
N ARG A 100 -26.90 13.49 -10.42
CA ARG A 100 -26.47 13.01 -11.73
C ARG A 100 -27.15 11.69 -12.09
N LEU A 101 -27.18 10.75 -11.14
CA LEU A 101 -27.79 9.44 -11.38
C LEU A 101 -29.30 9.54 -11.67
N VAL A 102 -30.00 10.37 -10.91
CA VAL A 102 -31.43 10.53 -11.09
C VAL A 102 -31.70 11.05 -12.51
N ALA A 103 -30.94 12.05 -12.94
CA ALA A 103 -31.16 12.68 -14.25
C ALA A 103 -30.79 11.78 -15.43
N SER A 104 -29.87 10.84 -15.22
CA SER A 104 -29.47 9.90 -16.27
C SER A 104 -30.61 8.95 -16.62
N GLY A 105 -31.46 8.64 -15.65
CA GLY A 105 -32.49 7.64 -15.84
C GLY A 105 -31.97 6.22 -15.72
N LYS A 106 -30.67 6.05 -15.43
CA LYS A 106 -30.09 4.72 -15.31
C LYS A 106 -30.69 3.99 -14.09
N PRO A 107 -30.52 2.66 -14.02
CA PRO A 107 -31.19 1.95 -12.94
C PRO A 107 -30.58 2.30 -11.58
N ALA A 108 -31.36 2.15 -10.52
CA ALA A 108 -30.93 2.55 -9.18
C ALA A 108 -29.85 1.60 -8.66
N ALA A 109 -28.78 2.18 -8.11
CA ALA A 109 -27.74 1.42 -7.39
C ALA A 109 -26.96 2.41 -6.53
N PRO A 110 -26.19 1.91 -5.55
CA PRO A 110 -25.42 2.84 -4.73
C PRO A 110 -24.40 3.62 -5.54
N VAL A 111 -24.08 4.81 -5.04
CA VAL A 111 -23.09 5.66 -5.64
C VAL A 111 -22.02 6.05 -4.62
N LEU A 112 -20.76 6.03 -5.05
CA LEU A 112 -19.62 6.32 -4.16
C LEU A 112 -18.80 7.52 -4.62
N VAL A 113 -18.37 8.34 -3.65
CA VAL A 113 -17.40 9.41 -3.91
C VAL A 113 -16.36 9.44 -2.80
N ALA A 114 -15.26 10.16 -3.05
CA ALA A 114 -14.25 10.44 -2.02
C ALA A 114 -13.45 11.71 -2.29
N ASP A 115 -12.79 12.20 -1.25
CA ASP A 115 -11.97 13.40 -1.36
C ASP A 115 -10.77 13.31 -0.43
N THR A 116 -9.63 13.81 -0.88
CA THR A 116 -8.37 13.69 -0.13
C THR A 116 -7.68 15.02 0.05
N THR A 117 -7.17 15.29 1.24
CA THR A 117 -6.39 16.49 1.46
C THR A 117 -5.09 16.13 2.14
N VAL A 118 -4.05 16.89 1.85
CA VAL A 118 -2.75 16.72 2.43
C VAL A 118 -2.44 17.99 3.20
N THR A 119 -2.11 17.86 4.49
CA THR A 119 -1.91 19.03 5.36
C THR A 119 -0.68 18.93 6.23
N ILE A 120 -0.04 20.08 6.49
CA ILE A 120 0.98 20.19 7.51
C ILE A 120 0.81 21.51 8.28
N ASP A 121 0.82 21.42 9.60
CA ASP A 121 0.52 22.57 10.46
C ASP A 121 -0.85 23.19 10.11
N GLY A 122 -1.82 22.36 9.75
CA GLY A 122 -3.15 22.83 9.35
C GLY A 122 -3.29 23.43 7.96
N ALA A 123 -2.19 23.70 7.27
CA ALA A 123 -2.24 24.31 5.94
C ALA A 123 -2.41 23.21 4.89
N ILE A 124 -3.35 23.40 3.97
CA ILE A 124 -3.59 22.46 2.88
C ILE A 124 -2.57 22.65 1.78
N LEU A 125 -1.93 21.56 1.36
CA LEU A 125 -0.98 21.59 0.25
C LEU A 125 -1.63 21.11 -1.05
N GLY A 126 -1.57 21.93 -2.10
CA GLY A 126 -2.04 21.55 -3.43
C GLY A 126 -0.91 21.03 -4.31
N LYS A 127 -1.09 21.18 -5.63
CA LYS A 127 -0.17 20.66 -6.63
C LYS A 127 0.87 21.69 -7.01
N PRO A 128 2.15 21.28 -7.14
CA PRO A 128 3.16 22.29 -7.42
C PRO A 128 2.95 22.97 -8.78
N THR A 129 3.23 24.26 -8.86
CA THR A 129 3.03 25.03 -10.11
C THR A 129 4.23 24.94 -11.02
N ASP A 130 5.39 24.58 -10.45
CA ASP A 130 6.63 24.38 -11.22
C ASP A 130 7.66 23.63 -10.38
N ALA A 131 8.85 23.42 -10.94
CA ALA A 131 9.92 22.71 -10.24
C ALA A 131 10.27 23.32 -8.88
N ASP A 132 10.39 24.65 -8.82
CA ASP A 132 10.79 25.35 -7.60
C ASP A 132 9.73 25.26 -6.49
N ASP A 133 8.46 25.26 -6.90
CA ASP A 133 7.33 25.04 -6.00
C ASP A 133 7.37 23.60 -5.43
N ALA A 134 7.57 22.63 -6.31
CA ALA A 134 7.68 21.23 -5.91
C ALA A 134 8.82 21.07 -4.92
N LEU A 135 9.98 21.62 -5.26
CA LEU A 135 11.11 21.59 -4.35
C LEU A 135 10.73 22.20 -2.98
N ALA A 136 10.03 23.32 -3.00
CA ALA A 136 9.71 24.03 -1.76
C ALA A 136 8.71 23.25 -0.89
N MET A 137 7.73 22.61 -1.51
CA MET A 137 6.80 21.74 -0.79
C MET A 137 7.52 20.56 -0.14
N LEU A 138 8.38 19.89 -0.89
CA LEU A 138 9.08 18.69 -0.39
C LEU A 138 10.03 19.05 0.77
N THR A 139 10.70 20.19 0.66
CA THR A 139 11.62 20.64 1.72
C THR A 139 10.84 21.00 2.99
N ARG A 140 9.60 21.42 2.80
CA ARG A 140 8.65 21.62 3.88
C ARG A 140 8.20 20.31 4.56
N LEU A 141 8.02 19.25 3.77
CA LEU A 141 7.63 17.95 4.33
C LEU A 141 8.83 17.23 4.94
N ALA A 142 10.02 17.55 4.43
CA ALA A 142 11.24 16.81 4.72
C ALA A 142 11.52 16.83 6.20
N GLY A 143 11.82 15.67 6.76
CA GLY A 143 12.20 15.59 8.17
C GLY A 143 11.06 15.75 9.14
N ARG A 144 9.82 15.67 8.67
CA ARG A 144 8.66 15.91 9.51
C ARG A 144 7.54 14.88 9.26
N GLU A 145 6.54 14.90 10.13
CA GLU A 145 5.25 14.24 9.91
C GLU A 145 4.27 15.22 9.32
N HIS A 146 3.43 14.73 8.41
CA HIS A 146 2.30 15.44 7.93
C HIS A 146 1.10 14.51 7.91
N ALA A 147 -0.08 15.07 7.68
CA ALA A 147 -1.30 14.30 7.72
C ALA A 147 -1.93 14.21 6.34
N VAL A 148 -2.45 13.03 6.00
CA VAL A 148 -3.27 12.85 4.80
C VAL A 148 -4.64 12.33 5.23
N LEU A 149 -5.69 13.06 4.85
CA LEU A 149 -7.04 12.76 5.28
C LEU A 149 -7.90 12.50 4.07
N THR A 150 -8.59 11.36 4.08
CA THR A 150 -9.54 11.02 3.02
C THR A 150 -10.91 10.67 3.57
N ALA A 151 -11.95 11.33 3.04
CA ALA A 151 -13.32 11.01 3.40
C ALA A 151 -13.97 10.31 2.24
N VAL A 152 -14.81 9.33 2.58
CA VAL A 152 -15.55 8.56 1.59
C VAL A 152 -17.04 8.62 1.98
N ALA A 153 -17.91 8.75 0.97
CA ALA A 153 -19.35 8.78 1.18
C ALA A 153 -20.05 7.91 0.15
N VAL A 154 -21.08 7.21 0.63
CA VAL A 154 -21.92 6.40 -0.22
C VAL A 154 -23.37 6.81 -0.01
N ILE A 155 -24.07 7.05 -1.11
CA ILE A 155 -25.51 7.21 -1.12
C ILE A 155 -26.10 5.89 -1.58
N ASP A 156 -26.99 5.32 -0.77
CA ASP A 156 -27.52 3.99 -1.08
C ASP A 156 -28.50 4.04 -2.25
N ALA A 157 -29.01 2.88 -2.66
CA ALA A 157 -29.75 2.78 -3.93
C ALA A 157 -31.05 3.55 -3.88
N SER A 158 -31.65 3.67 -2.70
CA SER A 158 -32.87 4.46 -2.51
C SER A 158 -32.60 5.96 -2.34
N GLY A 159 -31.35 6.41 -2.39
CA GLY A 159 -31.02 7.84 -2.31
C GLY A 159 -30.68 8.37 -0.92
N GLU A 160 -30.49 7.48 0.06
CA GLU A 160 -30.10 7.90 1.41
C GLU A 160 -28.57 8.01 1.53
N LEU A 161 -28.10 9.19 1.91
CA LEU A 161 -26.70 9.37 2.31
C LEU A 161 -26.38 8.59 3.62
N LEU A 162 -25.47 7.62 3.53
CA LEU A 162 -24.91 6.96 4.70
C LEU A 162 -23.85 7.85 5.38
N PRO A 163 -23.58 7.64 6.68
CA PRO A 163 -22.58 8.42 7.37
C PRO A 163 -21.28 8.38 6.60
N PRO A 164 -20.74 9.56 6.21
CA PRO A 164 -19.40 9.56 5.63
C PRO A 164 -18.35 9.10 6.65
N ALA A 165 -17.30 8.47 6.14
CA ALA A 165 -16.20 8.00 6.96
C ALA A 165 -14.95 8.80 6.62
N LEU A 166 -14.19 9.17 7.64
CA LEU A 166 -12.92 9.85 7.45
C LEU A 166 -11.77 8.98 7.86
N SER A 167 -10.78 8.82 6.97
CA SER A 167 -9.53 8.13 7.27
C SER A 167 -8.42 9.14 7.54
N ARG A 168 -7.85 9.07 8.74
CA ARG A 168 -6.75 9.92 9.14
C ARG A 168 -5.44 9.14 9.15
N SER A 169 -4.45 9.60 8.39
CA SER A 169 -3.14 8.96 8.36
C SER A 169 -2.07 10.00 8.55
N SER A 170 -0.93 9.58 9.08
CA SER A 170 0.25 10.42 9.10
C SER A 170 1.36 9.79 8.26
N VAL A 171 2.21 10.64 7.70
CA VAL A 171 3.29 10.26 6.81
C VAL A 171 4.57 11.01 7.24
N ARG A 172 5.64 10.27 7.51
CA ARG A 172 6.94 10.84 7.86
C ARG A 172 7.93 10.78 6.70
N PHE A 173 8.48 11.92 6.34
CA PHE A 173 9.47 12.04 5.31
C PHE A 173 10.85 12.16 5.94
N ALA A 174 11.84 11.51 5.33
CA ALA A 174 13.22 11.67 5.79
C ALA A 174 13.71 13.08 5.49
N ALA A 175 14.69 13.52 6.29
CA ALA A 175 15.34 14.81 6.04
C ALA A 175 16.06 14.74 4.71
N ALA A 176 16.71 13.59 4.47
CA ALA A 176 17.47 13.36 3.24
C ALA A 176 18.34 14.60 2.95
N SER A 177 18.44 15.03 1.69
CA SER A 177 19.17 16.28 1.35
C SER A 177 18.44 17.03 0.24
N ARG A 178 18.83 18.29 0.06
CA ARG A 178 18.24 19.12 -0.98
C ARG A 178 18.48 18.49 -2.36
N ASP A 179 19.70 18.00 -2.57
CA ASP A 179 20.06 17.34 -3.81
C ASP A 179 19.23 16.10 -4.05
N ALA A 180 18.99 15.31 -3.00
CA ALA A 180 18.12 14.16 -3.13
C ALA A 180 16.73 14.59 -3.58
N TYR A 181 16.19 15.65 -2.99
CA TYR A 181 14.86 16.13 -3.40
C TYR A 181 14.86 16.74 -4.82
N VAL A 182 15.93 17.40 -5.20
CA VAL A 182 16.06 17.94 -6.56
C VAL A 182 16.06 16.79 -7.57
N ARG A 183 16.87 15.77 -7.29
CA ARG A 183 16.93 14.59 -8.12
C ARG A 183 15.53 13.97 -8.29
N TYR A 184 14.74 13.89 -7.22
CA TYR A 184 13.34 13.41 -7.29
C TYR A 184 12.44 14.31 -8.17
N VAL A 185 12.55 15.62 -7.99
CA VAL A 185 11.77 16.57 -8.81
C VAL A 185 12.11 16.41 -10.29
N GLU A 186 13.38 16.15 -10.59
CA GLU A 186 13.82 15.98 -11.99
C GLU A 186 13.24 14.71 -12.70
N THR A 187 12.74 13.74 -11.93
CA THR A 187 11.99 12.61 -12.52
C THR A 187 10.63 13.06 -13.08
N GLY A 188 10.13 14.20 -12.61
CA GLY A 188 8.81 14.66 -13.03
C GLY A 188 7.64 14.13 -12.22
N GLU A 189 7.89 13.15 -11.33
CA GLU A 189 6.79 12.55 -10.57
C GLU A 189 5.95 13.56 -9.73
N PRO A 190 6.57 14.61 -9.18
CA PRO A 190 5.79 15.52 -8.34
C PRO A 190 4.61 16.25 -9.00
N PHE A 191 4.65 16.44 -10.32
CA PHE A 191 3.64 17.26 -11.00
C PHE A 191 2.28 16.59 -11.05
N GLY A 192 1.23 17.36 -10.80
CA GLY A 192 -0.09 16.80 -10.64
C GLY A 192 -0.37 16.15 -9.29
N LYS A 193 0.61 16.08 -8.39
CA LYS A 193 0.37 15.47 -7.07
C LYS A 193 0.23 16.52 -5.95
N ALA A 194 -0.81 16.35 -5.14
CA ALA A 194 -0.97 17.11 -3.91
C ALA A 194 0.23 16.87 -3.00
N GLY A 195 0.86 17.94 -2.53
CA GLY A 195 2.04 17.82 -1.69
C GLY A 195 3.32 17.46 -2.41
N ALA A 196 3.28 17.43 -3.75
CA ALA A 196 4.42 17.11 -4.61
C ALA A 196 4.99 15.69 -4.47
N TYR A 197 4.19 14.71 -4.11
CA TYR A 197 4.69 13.34 -4.05
C TYR A 197 3.55 12.36 -4.29
N ALA A 198 3.90 11.12 -4.61
CA ALA A 198 2.91 10.05 -4.72
C ALA A 198 3.39 8.88 -3.88
N ILE A 199 2.62 8.43 -2.91
CA ILE A 199 3.10 7.32 -2.06
C ILE A 199 3.36 6.03 -2.87
N GLN A 200 2.54 5.78 -3.88
CA GLN A 200 2.68 4.59 -4.70
C GLN A 200 3.68 4.70 -5.85
N GLY A 201 4.58 5.68 -5.80
CA GLY A 201 5.59 5.83 -6.79
C GLY A 201 6.98 5.88 -6.20
N ARG A 202 7.85 6.62 -6.88
CA ARG A 202 9.24 6.78 -6.45
C ARG A 202 9.41 7.47 -5.10
N ALA A 203 8.40 8.22 -4.64
CA ALA A 203 8.52 8.94 -3.37
C ALA A 203 8.67 8.02 -2.15
N ALA A 204 8.30 6.75 -2.31
CA ALA A 204 8.51 5.75 -1.28
C ALA A 204 9.97 5.70 -0.78
N GLU A 205 10.91 6.11 -1.63
CA GLU A 205 12.29 6.26 -1.21
C GLU A 205 12.50 7.22 -0.03
N PHE A 206 11.59 8.19 0.17
CA PHE A 206 11.74 9.19 1.24
C PHE A 206 10.85 8.97 2.44
N ILE A 207 9.91 8.05 2.30
CA ILE A 207 8.93 7.79 3.35
C ILE A 207 9.44 6.75 4.34
N GLU A 208 9.79 7.23 5.53
CA GLU A 208 10.30 6.41 6.64
C GLU A 208 9.26 5.55 7.28
N ARG A 209 8.05 6.09 7.41
CA ARG A 209 6.92 5.34 7.97
C ARG A 209 5.61 6.05 7.68
N ILE A 210 4.54 5.28 7.78
CA ILE A 210 3.19 5.79 7.78
C ILE A 210 2.45 5.17 8.95
N ASP A 211 1.36 5.83 9.36
CA ASP A 211 0.51 5.37 10.43
C ASP A 211 -0.93 5.68 10.02
N GLY A 212 -1.72 4.63 9.81
CA GLY A 212 -3.07 4.75 9.33
C GLY A 212 -3.35 3.79 8.19
N SER A 213 -3.64 4.34 7.02
CA SER A 213 -4.14 3.54 5.89
C SER A 213 -3.45 3.95 4.60
N HIS A 214 -2.67 3.02 4.05
CA HIS A 214 -2.01 3.26 2.78
C HIS A 214 -3.05 3.52 1.68
N SER A 215 -4.15 2.76 1.67
CA SER A 215 -5.21 2.96 0.66
C SER A 215 -5.86 4.35 0.86
N GLY A 216 -6.05 4.71 2.12
CA GLY A 216 -6.53 6.06 2.47
C GLY A 216 -5.66 7.16 1.92
N ILE A 217 -4.35 7.00 2.11
CA ILE A 217 -3.40 7.97 1.58
C ILE A 217 -3.50 8.12 0.07
N MET A 218 -3.80 7.02 -0.60
CA MET A 218 -3.90 7.00 -2.06
C MET A 218 -5.23 7.51 -2.59
N GLY A 219 -6.22 7.67 -1.70
CA GLY A 219 -7.48 8.32 -2.05
C GLY A 219 -8.75 7.49 -1.80
N LEU A 220 -8.61 6.25 -1.32
CA LEU A 220 -9.76 5.44 -0.97
C LEU A 220 -9.45 4.46 0.16
N PRO A 221 -9.77 4.83 1.40
CA PRO A 221 -9.47 3.97 2.52
C PRO A 221 -10.36 2.71 2.51
N LEU A 222 -9.73 1.57 2.33
CA LEU A 222 -10.50 0.35 2.03
C LEU A 222 -11.27 -0.27 3.19
N PHE A 223 -10.77 -0.09 4.42
CA PHE A 223 -11.47 -0.63 5.57
C PHE A 223 -12.83 0.04 5.70
N GLU A 224 -12.83 1.36 5.67
CA GLU A 224 -14.06 2.16 5.84
C GLU A 224 -14.96 2.05 4.58
N THR A 225 -14.36 2.01 3.39
CA THR A 225 -15.11 1.86 2.16
C THR A 225 -15.82 0.49 2.11
N ALA A 226 -15.09 -0.58 2.45
CA ALA A 226 -15.71 -1.91 2.47
C ALA A 226 -16.94 -1.92 3.37
N ALA A 227 -16.81 -1.33 4.55
CA ALA A 227 -17.91 -1.25 5.50
C ALA A 227 -19.15 -0.55 4.95
N LEU A 228 -18.96 0.61 4.32
CA LEU A 228 -20.07 1.32 3.69
C LEU A 228 -20.71 0.49 2.55
N LEU A 229 -19.89 -0.21 1.78
CA LEU A 229 -20.40 -1.03 0.69
C LEU A 229 -21.19 -2.25 1.18
N ARG A 230 -20.76 -2.89 2.28
CA ARG A 230 -21.59 -3.96 2.87
C ARG A 230 -22.94 -3.42 3.33
N THR A 231 -22.92 -2.29 4.03
CA THR A 231 -24.15 -1.64 4.46
C THR A 231 -25.07 -1.34 3.26
N ALA A 232 -24.51 -0.81 2.17
CA ALA A 232 -25.29 -0.49 0.97
C ALA A 232 -25.66 -1.72 0.10
N ARG A 233 -25.27 -2.91 0.54
CA ARG A 233 -25.68 -4.17 -0.07
C ARG A 233 -25.08 -4.38 -1.48
N VAL A 234 -23.82 -3.95 -1.62
CA VAL A 234 -23.06 -4.19 -2.81
C VAL A 234 -22.31 -5.50 -2.63
N ALA A 235 -22.39 -6.34 -3.66
CA ALA A 235 -21.77 -7.67 -3.64
C ALA A 235 -20.30 -7.58 -4.00
N PHE A 236 -19.47 -8.18 -3.15
CA PHE A 236 -18.04 -8.31 -3.42
C PHE A 236 -17.39 -9.29 -2.47
N THR B 33 27.92 8.91 -7.82
CA THR B 33 27.31 8.57 -9.14
C THR B 33 26.85 7.11 -9.18
N PRO B 34 25.70 6.85 -9.84
CA PRO B 34 25.30 5.48 -10.12
C PRO B 34 26.16 4.88 -11.22
N LEU B 35 26.55 3.63 -11.05
CA LEU B 35 27.38 2.96 -12.02
C LEU B 35 26.58 1.86 -12.71
N PHE B 36 25.65 1.20 -12.00
CA PHE B 36 24.97 0.05 -12.59
C PHE B 36 23.56 0.41 -13.03
N GLN B 37 23.25 0.15 -14.31
CA GLN B 37 21.91 0.44 -14.82
C GLN B 37 20.91 -0.63 -14.37
N THR B 38 21.40 -1.83 -14.02
CA THR B 38 20.55 -2.93 -13.65
C THR B 38 21.17 -3.74 -12.51
N LEU B 39 20.32 -4.46 -11.79
CA LEU B 39 20.79 -5.36 -10.75
C LEU B 39 20.10 -6.70 -10.94
N TYR B 40 20.49 -7.67 -10.12
CA TYR B 40 19.78 -8.94 -10.02
C TYR B 40 18.88 -8.96 -8.80
N LEU B 41 17.58 -9.24 -9.00
CA LEU B 41 16.66 -9.54 -7.91
C LEU B 41 16.55 -11.07 -7.79
N ALA B 42 17.02 -11.64 -6.69
CA ALA B 42 16.90 -13.06 -6.45
C ALA B 42 15.60 -13.32 -5.71
N SER B 43 14.49 -13.18 -6.41
CA SER B 43 13.17 -13.40 -5.82
C SER B 43 12.20 -13.87 -6.89
N GLN B 44 11.38 -14.86 -6.53
CA GLN B 44 10.30 -15.37 -7.33
C GLN B 44 8.99 -14.66 -7.00
N SER B 45 8.98 -13.73 -6.03
CA SER B 45 7.72 -13.15 -5.56
C SER B 45 7.24 -12.03 -6.49
N PRO B 46 6.01 -12.15 -7.04
CA PRO B 46 5.41 -11.06 -7.85
C PRO B 46 5.33 -9.71 -7.10
N ARG B 47 5.13 -9.76 -5.79
CA ARG B 47 5.00 -8.57 -4.97
C ARG B 47 6.34 -7.85 -4.86
N ARG B 48 7.42 -8.58 -4.59
CA ARG B 48 8.74 -7.95 -4.52
C ARG B 48 9.15 -7.40 -5.87
N GLN B 49 8.86 -8.13 -6.95
CA GLN B 49 9.15 -7.65 -8.30
C GLN B 49 8.39 -6.33 -8.63
N GLU B 50 7.10 -6.27 -8.28
CA GLU B 50 6.29 -5.08 -8.55
C GLU B 50 6.86 -3.90 -7.76
N LEU B 51 7.22 -4.15 -6.50
CA LEU B 51 7.68 -3.08 -5.62
C LEU B 51 8.99 -2.49 -6.12
N LEU B 52 9.87 -3.35 -6.65
CA LEU B 52 11.15 -2.88 -7.12
C LEU B 52 10.93 -2.01 -8.34
N GLN B 53 10.02 -2.42 -9.20
CA GLN B 53 9.67 -1.64 -10.40
C GLN B 53 9.09 -0.28 -10.01
N GLN B 54 8.38 -0.22 -8.90
CA GLN B 54 7.77 1.02 -8.43
C GLN B 54 8.78 2.15 -8.22
N ILE B 55 9.98 1.83 -7.71
CA ILE B 55 11.02 2.85 -7.51
C ILE B 55 11.90 3.06 -8.76
N GLY B 56 11.54 2.46 -9.89
CA GLY B 56 12.19 2.75 -11.17
C GLY B 56 13.49 1.99 -11.41
N VAL B 57 13.70 0.89 -10.70
CA VAL B 57 14.96 0.13 -10.77
C VAL B 57 14.81 -0.98 -11.82
N ARG B 58 15.76 -1.08 -12.71
CA ARG B 58 15.75 -2.12 -13.72
C ARG B 58 16.43 -3.33 -13.10
N PHE B 59 15.86 -4.51 -13.34
CA PHE B 59 16.42 -5.73 -12.77
C PHE B 59 16.23 -6.97 -13.66
N GLU B 60 17.25 -7.83 -13.65
CA GLU B 60 17.14 -9.20 -14.09
C GLU B 60 16.79 -10.06 -12.85
N LEU B 61 16.47 -11.34 -13.07
CA LEU B 61 16.17 -12.26 -11.97
C LEU B 61 17.24 -13.34 -11.83
N LEU B 62 17.47 -13.77 -10.59
CA LEU B 62 18.21 -15.00 -10.30
C LEU B 62 17.26 -15.93 -9.57
N LEU B 63 16.57 -16.78 -10.31
CA LEU B 63 15.61 -17.71 -9.70
C LEU B 63 16.28 -19.03 -9.35
N PRO B 64 15.79 -19.72 -8.28
CA PRO B 64 16.36 -21.05 -7.96
C PRO B 64 16.23 -21.99 -9.14
N ARG B 65 17.26 -22.78 -9.38
CA ARG B 65 17.17 -23.83 -10.37
C ARG B 65 16.21 -24.91 -9.85
N PRO B 66 15.55 -25.63 -10.77
CA PRO B 66 14.62 -26.71 -10.39
C PRO B 66 15.18 -27.61 -9.28
N ASP B 67 16.47 -27.92 -9.37
CA ASP B 67 17.12 -28.85 -8.44
C ASP B 67 17.72 -28.17 -7.22
N GLU B 68 17.22 -26.99 -6.90
CA GLU B 68 17.65 -26.23 -5.75
C GLU B 68 16.46 -26.20 -4.80
N ASP B 69 16.61 -26.75 -3.59
CA ASP B 69 15.52 -26.76 -2.62
C ASP B 69 15.46 -25.43 -1.88
N ALA B 70 14.88 -24.44 -2.56
CA ALA B 70 14.76 -23.09 -2.03
C ALA B 70 13.94 -23.04 -0.74
N GLU B 71 12.96 -23.94 -0.59
CA GLU B 71 12.08 -23.99 0.59
C GLU B 71 12.84 -24.25 1.89
N ALA B 72 13.79 -25.19 1.86
CA ALA B 72 14.57 -25.57 3.05
C ALA B 72 15.37 -24.40 3.67
N LEU B 73 15.70 -23.39 2.88
CA LEU B 73 16.34 -22.17 3.40
C LEU B 73 15.49 -21.46 4.44
N GLU B 74 14.18 -21.64 4.36
CA GLU B 74 13.26 -20.93 5.23
C GLU B 74 12.85 -21.68 6.51
N ALA B 75 13.44 -22.85 6.75
CA ALA B 75 13.16 -23.61 7.96
C ALA B 75 13.52 -22.78 9.20
N GLU B 76 12.62 -22.78 10.18
CA GLU B 76 12.86 -22.16 11.47
C GLU B 76 13.81 -23.02 12.29
N LEU B 77 14.45 -22.41 13.29
CA LEU B 77 15.20 -23.16 14.30
C LEU B 77 14.35 -23.26 15.55
N PRO B 78 14.56 -24.32 16.36
CA PRO B 78 13.67 -24.50 17.51
C PRO B 78 13.89 -23.41 18.55
N GLY B 79 12.80 -22.78 18.98
CA GLY B 79 12.84 -21.67 19.93
C GLY B 79 13.41 -20.37 19.39
N GLU B 80 13.50 -20.24 18.07
CA GLU B 80 14.12 -19.06 17.45
C GLU B 80 13.11 -17.91 17.42
N ALA B 81 13.58 -16.72 17.76
CA ALA B 81 12.77 -15.50 17.74
C ALA B 81 12.48 -15.12 16.28
N ALA B 82 11.29 -14.57 16.04
CA ALA B 82 10.89 -14.09 14.71
C ALA B 82 11.93 -13.15 14.05
N ASP B 83 12.40 -12.22 14.84
CA ASP B 83 13.40 -11.23 14.49
C ASP B 83 14.71 -11.86 13.99
N ALA B 84 15.24 -12.78 14.80
CA ALA B 84 16.48 -13.48 14.49
C ALA B 84 16.25 -14.35 13.28
N TYR B 85 15.06 -14.96 13.22
CA TYR B 85 14.72 -15.86 12.13
C TYR B 85 14.76 -15.16 10.75
N VAL B 86 14.05 -14.05 10.62
CA VAL B 86 13.97 -13.36 9.32
C VAL B 86 15.34 -12.83 8.87
N ARG B 87 16.13 -12.30 9.81
N ARG B 87 16.15 -12.31 9.80
CA ARG B 87 17.52 -11.88 9.57
CA ARG B 87 17.49 -11.85 9.45
C ARG B 87 18.36 -13.01 9.02
C ARG B 87 18.44 -12.98 9.04
N ARG B 88 18.37 -14.12 9.76
CA ARG B 88 19.19 -15.28 9.43
C ARG B 88 18.79 -15.85 8.08
N VAL B 89 17.50 -16.04 7.84
CA VAL B 89 17.02 -16.56 6.56
C VAL B 89 17.43 -15.63 5.41
N THR B 90 17.42 -14.32 5.64
CA THR B 90 17.78 -13.35 4.60
C THR B 90 19.27 -13.42 4.23
N VAL B 91 20.15 -13.55 5.24
CA VAL B 91 21.57 -13.81 4.98
C VAL B 91 21.77 -15.13 4.19
N ALA B 92 21.04 -16.17 4.55
CA ALA B 92 21.13 -17.44 3.82
C ALA B 92 20.64 -17.27 2.38
N LYS B 93 19.55 -16.55 2.18
CA LYS B 93 19.09 -16.28 0.83
C LYS B 93 20.14 -15.52 0.01
N ALA B 94 20.78 -14.54 0.64
CA ALA B 94 21.82 -13.76 -0.02
C ALA B 94 22.97 -14.65 -0.49
N GLU B 95 23.39 -15.58 0.37
CA GLU B 95 24.53 -16.44 0.06
C GLU B 95 24.15 -17.47 -0.98
N ALA B 96 22.91 -17.95 -0.97
CA ALA B 96 22.45 -18.85 -2.05
C ALA B 96 22.32 -18.07 -3.36
N ALA B 97 21.92 -16.81 -3.27
CA ALA B 97 21.84 -15.99 -4.48
C ALA B 97 23.24 -15.72 -5.07
N ARG B 98 24.21 -15.47 -4.19
CA ARG B 98 25.63 -15.36 -4.64
C ARG B 98 26.03 -16.62 -5.42
N ALA B 99 25.78 -17.81 -4.88
CA ALA B 99 26.14 -19.06 -5.57
C ALA B 99 25.38 -19.21 -6.90
N ARG B 100 24.10 -18.82 -6.94
CA ARG B 100 23.37 -18.81 -8.21
C ARG B 100 24.04 -17.90 -9.24
N LEU B 101 24.41 -16.70 -8.83
CA LEU B 101 25.06 -15.79 -9.78
C LEU B 101 26.33 -16.45 -10.34
N VAL B 102 27.15 -16.96 -9.43
CA VAL B 102 28.38 -17.60 -9.84
C VAL B 102 28.11 -18.76 -10.81
N ALA B 103 27.12 -19.58 -10.49
CA ALA B 103 26.84 -20.76 -11.32
C ALA B 103 26.33 -20.35 -12.69
N SER B 104 25.59 -19.25 -12.76
CA SER B 104 24.96 -18.83 -14.01
C SER B 104 25.94 -18.36 -15.09
N GLY B 105 27.15 -17.99 -14.71
CA GLY B 105 28.08 -17.35 -15.65
C GLY B 105 27.73 -15.92 -16.08
N LYS B 106 26.72 -15.31 -15.47
CA LYS B 106 26.29 -13.97 -15.87
C LYS B 106 27.21 -12.89 -15.27
N PRO B 107 27.19 -11.68 -15.84
CA PRO B 107 28.12 -10.63 -15.37
C PRO B 107 27.89 -10.14 -13.92
N ALA B 108 28.94 -9.59 -13.31
CA ALA B 108 28.86 -8.94 -12.00
C ALA B 108 27.81 -7.81 -11.97
N ALA B 109 27.01 -7.76 -10.93
CA ALA B 109 26.15 -6.61 -10.65
C ALA B 109 25.60 -6.82 -9.26
N PRO B 110 24.95 -5.81 -8.67
CA PRO B 110 24.41 -6.07 -7.33
C PRO B 110 23.30 -7.13 -7.29
N VAL B 111 23.14 -7.73 -6.12
CA VAL B 111 22.16 -8.77 -5.90
C VAL B 111 21.30 -8.38 -4.69
N LEU B 112 19.99 -8.57 -4.82
CA LEU B 112 19.02 -8.19 -3.80
C LEU B 112 18.14 -9.36 -3.41
N VAL B 113 17.94 -9.55 -2.10
CA VAL B 113 17.05 -10.56 -1.53
C VAL B 113 16.30 -9.97 -0.34
N ALA B 114 15.19 -10.61 0.02
CA ALA B 114 14.41 -10.21 1.22
C ALA B 114 13.62 -11.39 1.73
N ASP B 115 13.23 -11.33 3.00
CA ASP B 115 12.39 -12.34 3.62
C ASP B 115 11.45 -11.69 4.62
N THR B 116 10.26 -12.25 4.74
CA THR B 116 9.18 -11.67 5.54
C THR B 116 8.58 -12.71 6.47
N THR B 117 8.34 -12.31 7.72
CA THR B 117 7.59 -13.17 8.62
C THR B 117 6.54 -12.36 9.36
N VAL B 118 5.52 -13.05 9.86
CA VAL B 118 4.46 -12.47 10.67
C VAL B 118 4.59 -13.07 12.06
N THR B 119 4.47 -12.25 13.09
CA THR B 119 4.59 -12.73 14.47
C THR B 119 3.54 -12.13 15.40
N ILE B 120 3.05 -12.96 16.32
CA ILE B 120 2.14 -12.55 17.37
C ILE B 120 2.42 -13.45 18.59
N ASP B 121 2.36 -12.87 19.80
CA ASP B 121 2.63 -13.59 21.06
C ASP B 121 3.97 -14.33 21.07
N GLY B 122 4.97 -13.78 20.40
CA GLY B 122 6.25 -14.47 20.22
C GLY B 122 6.30 -15.56 19.15
N ALA B 123 5.17 -15.98 18.58
CA ALA B 123 5.19 -17.10 17.63
C ALA B 123 5.42 -16.65 16.17
N ILE B 124 6.02 -17.53 15.38
CA ILE B 124 6.22 -17.28 13.96
C ILE B 124 5.11 -17.89 13.11
N LEU B 125 4.51 -17.07 12.25
CA LEU B 125 3.49 -17.54 11.33
C LEU B 125 4.06 -17.46 9.94
N GLY B 126 4.13 -18.61 9.27
CA GLY B 126 4.62 -18.69 7.89
C GLY B 126 3.45 -18.76 6.93
N LYS B 127 3.72 -19.24 5.72
CA LYS B 127 2.69 -19.43 4.71
C LYS B 127 1.84 -20.62 5.11
N PRO B 128 0.52 -20.55 4.93
CA PRO B 128 -0.33 -21.66 5.37
C PRO B 128 -0.14 -22.92 4.54
N THR B 129 -0.21 -24.06 5.18
CA THR B 129 -0.04 -25.34 4.50
C THR B 129 -1.30 -25.74 3.72
N ASP B 130 -2.48 -25.34 4.21
CA ASP B 130 -3.75 -25.65 3.55
C ASP B 130 -4.82 -24.70 4.05
N ALA B 131 -6.08 -24.89 3.64
CA ALA B 131 -7.17 -23.97 4.00
C ALA B 131 -7.43 -23.93 5.51
N ASP B 132 -7.37 -25.09 6.14
CA ASP B 132 -7.53 -25.17 7.60
C ASP B 132 -6.44 -24.37 8.34
N ASP B 133 -5.21 -24.48 7.88
CA ASP B 133 -4.10 -23.75 8.47
C ASP B 133 -4.30 -22.24 8.23
N ALA B 134 -4.74 -21.85 7.03
CA ALA B 134 -4.98 -20.45 6.78
C ALA B 134 -6.06 -19.90 7.71
N LEU B 135 -7.14 -20.66 7.92
CA LEU B 135 -8.19 -20.21 8.85
C LEU B 135 -7.70 -20.11 10.32
N ALA B 136 -6.89 -21.09 10.74
CA ALA B 136 -6.33 -21.08 12.10
C ALA B 136 -5.43 -19.83 12.27
N MET B 137 -4.67 -19.48 11.26
CA MET B 137 -3.79 -18.29 11.35
C MET B 137 -4.64 -17.01 11.50
N LEU B 138 -5.59 -16.84 10.60
CA LEU B 138 -6.46 -15.66 10.61
C LEU B 138 -7.25 -15.53 11.91
N THR B 139 -7.71 -16.66 12.44
CA THR B 139 -8.42 -16.68 13.73
C THR B 139 -7.50 -16.19 14.85
N ARG B 140 -6.22 -16.53 14.75
CA ARG B 140 -5.26 -16.10 15.74
C ARG B 140 -4.95 -14.60 15.61
N LEU B 141 -4.98 -14.06 14.40
CA LEU B 141 -4.71 -12.63 14.18
C LEU B 141 -5.92 -11.71 14.44
N ALA B 142 -7.13 -12.25 14.37
CA ALA B 142 -8.37 -11.47 14.48
C ALA B 142 -8.47 -10.67 15.76
N GLY B 143 -8.86 -9.39 15.64
CA GLY B 143 -9.14 -8.55 16.80
C GLY B 143 -7.88 -8.20 17.58
N ARG B 144 -6.72 -8.29 16.93
CA ARG B 144 -5.46 -8.13 17.62
C ARG B 144 -4.47 -7.37 16.77
N GLU B 145 -3.38 -6.96 17.40
CA GLU B 145 -2.26 -6.37 16.72
C GLU B 145 -1.18 -7.41 16.55
N HIS B 146 -0.60 -7.47 15.35
CA HIS B 146 0.55 -8.33 15.12
C HIS B 146 1.64 -7.53 14.44
N ALA B 147 2.81 -8.14 14.27
CA ALA B 147 3.95 -7.47 13.67
C ALA B 147 4.35 -8.17 12.39
N VAL B 148 4.74 -7.41 11.38
CA VAL B 148 5.28 -7.98 10.13
C VAL B 148 6.70 -7.46 9.98
N LEU B 149 7.64 -8.40 9.91
CA LEU B 149 9.06 -8.10 9.90
C LEU B 149 9.67 -8.52 8.56
N THR B 150 10.30 -7.60 7.86
CA THR B 150 10.93 -7.94 6.59
C THR B 150 12.36 -7.47 6.62
N ALA B 151 13.27 -8.42 6.39
CA ALA B 151 14.71 -8.14 6.29
C ALA B 151 15.08 -8.07 4.81
N VAL B 152 15.99 -7.15 4.48
CA VAL B 152 16.45 -6.97 3.12
C VAL B 152 17.98 -6.88 3.11
N ALA B 153 18.61 -7.49 2.10
CA ALA B 153 20.06 -7.56 1.99
C ALA B 153 20.50 -7.38 0.55
N VAL B 154 21.59 -6.67 0.38
CA VAL B 154 22.18 -6.43 -0.95
C VAL B 154 23.66 -6.83 -0.90
N ILE B 155 24.10 -7.58 -1.91
CA ILE B 155 25.52 -7.84 -2.18
C ILE B 155 25.90 -6.87 -3.27
N ASP B 156 26.90 -6.02 -3.04
CA ASP B 156 27.31 -5.08 -4.08
C ASP B 156 28.04 -5.79 -5.23
N ALA B 157 28.32 -5.06 -6.31
CA ALA B 157 28.91 -5.62 -7.54
C ALA B 157 30.30 -6.21 -7.37
N SER B 158 31.06 -5.72 -6.38
CA SER B 158 32.35 -6.26 -6.01
C SER B 158 32.27 -7.61 -5.31
N GLY B 159 31.07 -7.92 -4.80
CA GLY B 159 30.80 -9.17 -4.07
C GLY B 159 30.68 -9.02 -2.55
N GLU B 160 30.63 -7.79 -2.07
CA GLU B 160 30.55 -7.54 -0.65
C GLU B 160 29.11 -7.50 -0.18
N LEU B 161 28.80 -8.32 0.81
CA LEU B 161 27.49 -8.33 1.43
C LEU B 161 27.39 -7.12 2.29
N LEU B 162 26.45 -6.22 1.99
CA LEU B 162 26.27 -5.01 2.83
C LEU B 162 25.46 -5.37 4.08
N PRO B 163 25.52 -4.52 5.13
CA PRO B 163 24.77 -4.85 6.32
C PRO B 163 23.29 -4.97 6.00
N PRO B 164 22.65 -6.05 6.46
CA PRO B 164 21.22 -6.13 6.22
C PRO B 164 20.43 -5.08 6.98
N ALA B 165 19.25 -4.77 6.46
CA ALA B 165 18.31 -3.85 7.07
C ALA B 165 17.04 -4.61 7.48
N LEU B 166 16.36 -4.11 8.49
CA LEU B 166 15.13 -4.71 8.97
C LEU B 166 14.01 -3.67 9.05
N SER B 167 12.87 -3.99 8.43
CA SER B 167 11.64 -3.16 8.49
C SER B 167 10.63 -3.82 9.41
N ARG B 168 10.23 -3.11 10.46
CA ARG B 168 9.26 -3.64 11.43
C ARG B 168 7.97 -2.85 11.30
N SER B 169 6.87 -3.55 11.06
CA SER B 169 5.56 -2.89 10.98
C SER B 169 4.59 -3.60 11.91
N SER B 170 3.56 -2.89 12.33
CA SER B 170 2.46 -3.52 13.04
C SER B 170 1.16 -3.31 12.26
N VAL B 171 0.28 -4.30 12.39
CA VAL B 171 -0.96 -4.37 11.62
C VAL B 171 -2.08 -4.72 12.60
N ARG B 172 -3.20 -4.00 12.58
CA ARG B 172 -4.34 -4.34 13.43
C ARG B 172 -5.51 -4.91 12.60
N PHE B 173 -5.90 -6.14 12.94
CA PHE B 173 -7.10 -6.75 12.35
C PHE B 173 -8.33 -6.46 13.18
N ALA B 174 -9.44 -6.19 12.51
CA ALA B 174 -10.74 -6.15 13.18
C ALA B 174 -11.14 -7.55 13.65
N ALA B 175 -12.01 -7.62 14.65
CA ALA B 175 -12.59 -8.89 15.08
C ALA B 175 -13.28 -9.63 13.92
N ALA B 176 -14.06 -8.92 13.13
CA ALA B 176 -14.75 -9.54 12.02
C ALA B 176 -15.48 -10.79 12.53
N SER B 177 -15.40 -11.91 11.83
CA SER B 177 -16.09 -13.11 12.27
C SER B 177 -15.51 -14.33 11.58
N ARG B 178 -15.74 -15.51 12.17
CA ARG B 178 -15.32 -16.75 11.56
C ARG B 178 -15.82 -16.81 10.11
N ASP B 179 -17.12 -16.63 9.93
CA ASP B 179 -17.73 -16.69 8.59
C ASP B 179 -17.04 -15.78 7.58
N ALA B 180 -16.70 -14.58 7.99
CA ALA B 180 -16.04 -13.63 7.12
C ALA B 180 -14.62 -14.11 6.80
N TYR B 181 -13.92 -14.72 7.76
CA TYR B 181 -12.63 -15.34 7.47
C TYR B 181 -12.74 -16.58 6.60
N VAL B 182 -13.82 -17.36 6.74
CA VAL B 182 -14.01 -18.54 5.89
C VAL B 182 -14.19 -18.11 4.43
N ARG B 183 -15.03 -17.10 4.19
CA ARG B 183 -15.24 -16.60 2.83
C ARG B 183 -13.94 -16.11 2.19
N TYR B 184 -13.11 -15.42 2.98
CA TYR B 184 -11.84 -14.91 2.49
C TYR B 184 -10.89 -16.06 2.09
N VAL B 185 -10.78 -17.08 2.94
CA VAL B 185 -9.95 -18.26 2.61
C VAL B 185 -10.45 -18.88 1.30
N GLU B 186 -11.77 -18.93 1.13
CA GLU B 186 -12.40 -19.42 -0.10
C GLU B 186 -11.93 -18.75 -1.39
N THR B 187 -11.56 -17.46 -1.33
CA THR B 187 -11.01 -16.75 -2.49
C THR B 187 -9.63 -17.23 -2.91
N GLY B 188 -8.91 -17.90 -2.00
CA GLY B 188 -7.58 -18.40 -2.30
C GLY B 188 -6.47 -17.40 -2.03
N GLU B 189 -6.81 -16.17 -1.63
CA GLU B 189 -5.79 -15.16 -1.46
C GLU B 189 -4.78 -15.44 -0.33
N PRO B 190 -5.14 -16.25 0.68
CA PRO B 190 -4.14 -16.52 1.73
C PRO B 190 -2.88 -17.26 1.29
N PHE B 191 -2.98 -18.06 0.24
CA PHE B 191 -1.92 -18.97 -0.16
C PHE B 191 -0.70 -18.25 -0.69
N GLY B 192 0.45 -18.64 -0.17
CA GLY B 192 1.73 -18.06 -0.58
C GLY B 192 2.17 -16.88 0.27
N LYS B 193 1.38 -16.47 1.28
CA LYS B 193 1.74 -15.31 2.09
C LYS B 193 1.88 -15.69 3.54
N ALA B 194 2.92 -15.14 4.17
CA ALA B 194 3.13 -15.34 5.58
C ALA B 194 1.91 -14.82 6.34
N GLY B 195 1.41 -15.65 7.24
CA GLY B 195 0.25 -15.25 8.06
C GLY B 195 -1.10 -15.33 7.38
N ALA B 196 -1.13 -15.87 6.15
CA ALA B 196 -2.38 -16.23 5.47
C ALA B 196 -3.26 -15.04 5.04
N TYR B 197 -2.63 -13.90 4.77
CA TYR B 197 -3.35 -12.78 4.17
C TYR B 197 -2.42 -11.96 3.27
N ALA B 198 -3.03 -11.28 2.30
CA ALA B 198 -2.32 -10.40 1.37
C ALA B 198 -2.86 -8.99 1.56
N ILE B 199 -2.05 -8.13 2.14
CA ILE B 199 -2.49 -6.75 2.43
C ILE B 199 -3.01 -6.04 1.20
N GLN B 200 -2.40 -6.28 0.03
N GLN B 200 -2.36 -6.32 0.08
CA GLN B 200 -2.83 -5.59 -1.19
CA GLN B 200 -2.72 -5.80 -1.20
C GLN B 200 -3.95 -6.30 -1.95
C GLN B 200 -3.70 -6.75 -1.86
N GLY B 201 -4.83 -6.97 -1.22
CA GLY B 201 -5.95 -7.68 -1.80
C GLY B 201 -7.19 -7.43 -0.94
N ARG B 202 -8.09 -8.41 -0.94
CA ARG B 202 -9.31 -8.34 -0.16
C ARG B 202 -9.09 -8.24 1.35
N ALA B 203 -7.94 -8.68 1.85
CA ALA B 203 -7.67 -8.59 3.28
C ALA B 203 -7.71 -7.16 3.80
N ALA B 204 -7.54 -6.20 2.91
CA ALA B 204 -7.68 -4.80 3.27
C ALA B 204 -9.01 -4.50 4.00
N GLU B 205 -10.01 -5.35 3.79
CA GLU B 205 -11.32 -5.22 4.41
C GLU B 205 -11.32 -5.41 5.92
N PHE B 206 -10.41 -6.21 6.46
CA PHE B 206 -10.36 -6.34 7.90
C PHE B 206 -9.11 -5.77 8.53
N ILE B 207 -8.34 -5.00 7.76
CA ILE B 207 -7.20 -4.31 8.31
C ILE B 207 -7.60 -2.91 8.73
N GLU B 208 -7.63 -2.68 10.04
CA GLU B 208 -8.08 -1.39 10.62
C GLU B 208 -7.02 -0.32 10.51
N ARG B 209 -5.77 -0.71 10.60
CA ARG B 209 -4.71 0.25 10.70
C ARG B 209 -3.38 -0.46 10.53
N ILE B 210 -2.40 0.23 9.95
CA ILE B 210 -1.01 -0.19 10.00
C ILE B 210 -0.10 0.92 10.50
N ASP B 211 1.06 0.53 11.00
CA ASP B 211 2.08 1.46 11.45
C ASP B 211 3.43 0.91 11.02
N GLY B 212 4.09 1.63 10.11
CA GLY B 212 5.35 1.19 9.54
C GLY B 212 5.39 1.35 8.03
N SER B 213 5.50 0.24 7.30
CA SER B 213 5.72 0.28 5.86
C SER B 213 4.81 -0.72 5.15
N HIS B 214 3.93 -0.20 4.28
CA HIS B 214 3.04 -1.03 3.46
C HIS B 214 3.87 -1.91 2.50
N SER B 215 4.95 -1.36 1.95
CA SER B 215 5.80 -2.16 1.05
C SER B 215 6.56 -3.21 1.85
N GLY B 216 7.01 -2.86 3.04
CA GLY B 216 7.65 -3.85 3.95
C GLY B 216 6.70 -5.03 4.28
N ILE B 217 5.44 -4.72 4.60
CA ILE B 217 4.44 -5.76 4.88
C ILE B 217 4.27 -6.69 3.67
N MET B 218 4.31 -6.10 2.47
CA MET B 218 4.21 -6.87 1.22
C MET B 218 5.46 -7.65 0.87
N GLY B 219 6.59 -7.34 1.49
CA GLY B 219 7.81 -8.12 1.26
C GLY B 219 9.03 -7.38 0.75
N LEU B 220 8.91 -6.09 0.45
CA LEU B 220 10.09 -5.32 0.08
C LEU B 220 9.97 -3.90 0.55
N PRO B 221 10.57 -3.61 1.72
CA PRO B 221 10.42 -2.31 2.33
C PRO B 221 11.20 -1.29 1.55
N LEU B 222 10.49 -0.37 0.89
CA LEU B 222 11.14 0.46 -0.13
C LEU B 222 12.08 1.52 0.41
N PHE B 223 11.83 2.03 1.61
CA PHE B 223 12.75 2.99 2.19
C PHE B 223 14.15 2.39 2.43
N GLU B 224 14.17 1.25 3.11
CA GLU B 224 15.41 0.58 3.45
C GLU B 224 16.09 0.00 2.20
N THR B 225 15.30 -0.50 1.27
CA THR B 225 15.84 -1.08 0.05
C THR B 225 16.50 -0.02 -0.85
N ALA B 226 15.81 1.11 -1.05
CA ALA B 226 16.37 2.21 -1.80
C ALA B 226 17.71 2.68 -1.24
N ALA B 227 17.82 2.76 0.08
CA ALA B 227 19.06 3.21 0.69
C ALA B 227 20.22 2.25 0.36
N LEU B 228 19.97 0.95 0.47
CA LEU B 228 20.98 -0.03 0.09
C LEU B 228 21.36 0.09 -1.37
N LEU B 229 20.36 0.30 -2.24
CA LEU B 229 20.62 0.39 -3.67
C LEU B 229 21.43 1.65 -4.05
N ARG B 230 21.19 2.78 -3.39
CA ARG B 230 22.02 3.97 -3.58
C ARG B 230 23.48 3.67 -3.16
N THR B 231 23.65 3.00 -2.03
CA THR B 231 24.98 2.65 -1.54
C THR B 231 25.69 1.75 -2.55
N ALA B 232 24.95 0.81 -3.16
CA ALA B 232 25.46 -0.07 -4.21
C ALA B 232 25.52 0.51 -5.63
N ARG B 233 25.25 1.80 -5.80
CA ARG B 233 25.54 2.52 -7.05
C ARG B 233 24.61 2.06 -8.19
N VAL B 234 23.38 1.70 -7.86
CA VAL B 234 22.39 1.34 -8.84
C VAL B 234 21.68 2.59 -9.30
N ALA B 235 21.53 2.76 -10.61
CA ALA B 235 20.86 3.94 -11.17
C ALA B 235 19.36 3.81 -11.02
N PHE B 236 18.73 4.84 -10.48
CA PHE B 236 17.27 4.92 -10.44
C PHE B 236 16.76 6.26 -9.99
P PO4 C . -12.43 12.37 -8.45
O1 PO4 C . -12.60 11.12 -7.64
O2 PO4 C . -10.97 12.67 -8.64
O3 PO4 C . -13.06 12.11 -9.79
O4 PO4 C . -13.14 13.53 -7.79
P PO4 D . -4.15 -0.33 3.67
O1 PO4 D . -5.17 0.78 3.57
O2 PO4 D . -4.88 -1.64 3.97
O3 PO4 D . -3.39 -0.49 2.36
O4 PO4 D . -3.16 -0.07 4.78
P PO4 E . -13.14 11.86 14.85
O1 PO4 E . -11.78 11.90 15.46
O2 PO4 E . -13.07 12.43 13.45
O3 PO4 E . -13.71 10.47 14.72
O4 PO4 E . -14.02 12.66 15.81
P PO4 F . 15.39 12.05 9.80
O1 PO4 F . 16.39 12.50 10.85
O2 PO4 F . 16.11 11.68 8.54
O3 PO4 F . 14.64 10.89 10.41
O4 PO4 F . 14.42 13.16 9.47
P PO4 G . 7.43 16.67 13.33
O1 PO4 G . 6.48 15.97 14.27
O2 PO4 G . 8.77 15.95 13.34
O3 PO4 G . 6.81 16.63 11.96
O4 PO4 G . 7.63 18.11 13.71
C1 EDO H . -0.65 12.30 -1.30
O1 EDO H . -0.49 13.04 -2.54
C2 EDO H . -0.26 10.81 -1.31
O2 EDO H . 0.17 10.22 -2.58
P PO4 I . 11.50 -15.27 -2.62
O1 PO4 I . 12.09 -15.97 -1.49
O2 PO4 I . 11.90 -15.82 -3.93
O3 PO4 I . 10.02 -15.46 -2.60
O4 PO4 I . 11.82 -13.80 -2.47
P PO4 J . 5.17 2.29 1.91
O1 PO4 J . 4.35 2.69 3.16
O2 PO4 J . 6.22 1.30 2.33
O3 PO4 J . 4.28 1.78 0.85
O4 PO4 J . 5.91 3.50 1.38
P PO4 K . -3.30 -6.86 21.15
O1 PO4 K . -3.39 -8.25 21.75
O2 PO4 K . -1.86 -6.48 20.94
O3 PO4 K . -3.99 -6.86 19.83
O4 PO4 K . -3.98 -5.84 22.02
C1 EDO L . 23.75 -7.79 -15.03
O1 EDO L . 24.37 -6.73 -15.76
C2 EDO L . 22.52 -7.30 -14.29
O2 EDO L . 21.47 -7.06 -15.22
C1 EDO M . 1.42 -10.59 5.32
O1 EDO M . 2.22 -11.53 4.60
C2 EDO M . 1.04 -9.39 4.48
O2 EDO M . 0.24 -9.78 3.36
#